data_6L37
#
_entry.id   6L37
#
_cell.length_a   61.006
_cell.length_b   103.258
_cell.length_c   61.133
_cell.angle_alpha   90.000
_cell.angle_beta   100.630
_cell.angle_gamma   90.000
#
_symmetry.space_group_name_H-M   'P 1 21 1'
#
loop_
_entity.id
_entity.type
_entity.pdbx_description
1 polymer 'Peroxisome proliferator-activated receptor alpha'
2 non-polymer 2-chloro-5-nitro-N-phenylbenzamide
3 non-polymer '2-{4-[(1S)-2,2-dichlorocyclopropyl]phenoxy}-2-methylpropanoic acid'
#
_entity_poly.entity_id   1
_entity_poly.type   'polypeptide(L)'
_entity_poly.pdbx_seq_one_letter_code
;GSHMTADLKSLAKRIYEAYLKNFNMNKVKARVILSGKASNNPPFVIHDMETLCMAEKTLVAKLVANGIQNKEAEVRIFHC
CQCTSVETVTELTEFAKAIPGFANLDLNDQVTLLKYGVYEAIFAMLSSVMNKDGMLVAYGNGFITREFLKSLRKPFCDIM
EPKFDFAMKFNALELDDSDISLFVAAIICCGDRPGLLNVGHIEKMQEGIVHVLRLHLQSNHPDDIFLFPKLLQKMADLRQ
LVTEHAQLVQIIKKTESDAALHPLLQEIYRDMY
;
_entity_poly.pdbx_strand_id   A,B
#
# COMPACT_ATOMS: atom_id res chain seq x y z
N MET A 4 -14.60 -6.19 -15.28
CA MET A 4 -14.76 -4.91 -15.95
C MET A 4 -16.22 -4.67 -16.33
N THR A 5 -16.82 -5.67 -16.99
CA THR A 5 -18.21 -5.65 -17.45
C THR A 5 -18.63 -4.31 -18.05
N ALA A 6 -19.93 -4.14 -18.29
CA ALA A 6 -20.47 -2.94 -18.90
C ALA A 6 -21.45 -2.21 -17.99
N ASP A 7 -22.41 -2.91 -17.41
CA ASP A 7 -23.37 -2.27 -16.51
C ASP A 7 -22.65 -1.53 -15.38
N LEU A 8 -21.55 -2.09 -14.88
CA LEU A 8 -20.81 -1.44 -13.80
C LEU A 8 -20.18 -0.14 -14.28
N LYS A 9 -19.60 -0.13 -15.49
CA LYS A 9 -19.02 1.10 -16.01
C LYS A 9 -20.06 2.21 -16.09
N SER A 10 -21.30 1.87 -16.46
CA SER A 10 -22.37 2.85 -16.45
C SER A 10 -22.61 3.37 -15.03
N LEU A 11 -22.72 2.46 -14.07
CA LEU A 11 -22.89 2.87 -12.68
C LEU A 11 -21.70 3.70 -12.20
N ALA A 12 -20.49 3.34 -12.62
CA ALA A 12 -19.31 4.09 -12.21
C ALA A 12 -19.36 5.53 -12.70
N LYS A 13 -19.98 5.77 -13.86
CA LYS A 13 -20.06 7.12 -14.40
C LYS A 13 -21.30 7.86 -13.93
N ARG A 14 -22.40 7.16 -13.66
CA ARG A 14 -23.52 7.79 -12.97
C ARG A 14 -23.07 8.42 -11.67
N ILE A 15 -22.18 7.73 -10.95
CA ILE A 15 -21.59 8.30 -9.73
C ILE A 15 -20.59 9.40 -10.07
N TYR A 16 -20.02 9.35 -11.28
CA TYR A 16 -19.04 10.35 -11.68
C TYR A 16 -19.71 11.60 -12.26
N GLU A 17 -20.74 11.41 -13.08
CA GLU A 17 -21.49 12.57 -13.59
C GLU A 17 -22.11 13.36 -12.44
N ALA A 18 -22.83 12.66 -11.56
CA ALA A 18 -23.05 13.21 -10.23
C ALA A 18 -21.70 13.42 -9.55
N TYR A 19 -21.65 14.35 -8.61
CA TYR A 19 -20.39 14.78 -8.01
C TYR A 19 -19.80 15.91 -8.85
N LEU A 20 -19.50 15.64 -10.12
CA LEU A 20 -19.13 16.72 -11.02
C LEU A 20 -20.25 17.75 -11.17
N LYS A 21 -21.49 17.34 -10.93
CA LYS A 21 -22.63 18.24 -11.03
C LYS A 21 -22.96 18.91 -9.70
N ASN A 22 -22.72 18.23 -8.57
CA ASN A 22 -23.10 18.73 -7.26
C ASN A 22 -21.97 19.44 -6.53
N PHE A 23 -20.71 19.13 -6.84
CA PHE A 23 -19.56 19.73 -6.18
C PHE A 23 -18.87 20.66 -7.16
N ASN A 24 -18.99 21.97 -6.92
CA ASN A 24 -18.42 22.95 -7.83
C ASN A 24 -16.89 22.90 -7.83
N MET A 25 -16.29 22.57 -6.70
CA MET A 25 -14.84 22.53 -6.56
C MET A 25 -14.39 21.06 -6.56
N ASN A 26 -13.85 20.63 -7.69
CA ASN A 26 -13.31 19.28 -7.84
C ASN A 26 -11.79 19.32 -7.84
N LYS A 27 -11.18 18.14 -7.94
CA LYS A 27 -9.73 18.05 -7.84
C LYS A 27 -9.04 18.64 -9.07
N VAL A 28 -9.63 18.47 -10.25
CA VAL A 28 -9.02 18.99 -11.47
C VAL A 28 -8.94 20.51 -11.41
N LYS A 29 -10.06 21.17 -11.12
CA LYS A 29 -10.04 22.63 -10.99
C LYS A 29 -9.07 23.08 -9.91
N ALA A 30 -9.11 22.42 -8.74
CA ALA A 30 -8.22 22.80 -7.66
C ALA A 30 -6.77 22.58 -8.03
N ARG A 31 -6.47 21.45 -8.67
CA ARG A 31 -5.09 21.13 -9.03
C ARG A 31 -4.55 22.08 -10.09
N VAL A 32 -5.41 22.70 -10.89
CA VAL A 32 -4.93 23.65 -11.89
C VAL A 32 -4.65 25.01 -11.26
N ILE A 33 -5.44 25.41 -10.26
CA ILE A 33 -5.18 26.66 -9.56
C ILE A 33 -3.86 26.59 -8.80
N LEU A 34 -3.69 25.56 -7.98
CA LEU A 34 -2.45 25.41 -7.23
C LEU A 34 -1.25 25.29 -8.15
N SER A 35 -1.44 24.73 -9.35
CA SER A 35 -0.34 24.61 -10.29
C SER A 35 -0.01 25.94 -10.96
N GLY A 36 -1.01 26.81 -11.13
CA GLY A 36 -0.79 28.09 -11.77
C GLY A 36 -0.43 28.02 -13.24
N LYS A 37 -0.47 26.84 -13.85
CA LYS A 37 -0.12 26.68 -15.26
C LYS A 37 -1.24 27.09 -16.20
N ALA A 38 -2.26 27.80 -15.70
CA ALA A 38 -3.35 28.25 -16.56
C ALA A 38 -3.76 29.69 -16.26
N SER A 39 -3.02 30.42 -15.43
CA SER A 39 -3.36 31.78 -15.09
C SER A 39 -2.30 32.40 -14.18
N ASN A 40 -1.89 33.64 -14.47
CA ASN A 40 -0.95 34.37 -13.65
C ASN A 40 -1.64 35.23 -12.58
N ASN A 41 -2.90 34.93 -12.26
CA ASN A 41 -3.64 35.65 -11.24
C ASN A 41 -3.87 34.73 -10.05
N PRO A 42 -2.86 34.54 -9.20
CA PRO A 42 -2.99 33.59 -8.09
C PRO A 42 -4.05 34.03 -7.11
N PRO A 43 -4.52 33.14 -6.24
CA PRO A 43 -5.54 33.52 -5.26
C PRO A 43 -4.95 34.33 -4.12
N PHE A 44 -5.81 35.15 -3.52
CA PHE A 44 -5.39 35.99 -2.40
C PHE A 44 -5.01 35.11 -1.21
N VAL A 45 -3.73 35.15 -0.84
CA VAL A 45 -3.22 34.32 0.25
C VAL A 45 -3.57 34.97 1.58
N ILE A 46 -3.94 34.14 2.55
CA ILE A 46 -4.28 34.58 3.89
C ILE A 46 -3.30 33.90 4.84
N HIS A 47 -2.26 34.62 5.25
CA HIS A 47 -1.21 34.06 6.09
C HIS A 47 -1.09 34.71 7.46
N ASP A 48 -1.84 35.77 7.73
CA ASP A 48 -1.77 36.44 9.03
C ASP A 48 -3.10 37.15 9.28
N MET A 49 -3.19 37.83 10.43
CA MET A 49 -4.42 38.52 10.78
C MET A 49 -4.70 39.70 9.86
N GLU A 50 -3.66 40.34 9.32
CA GLU A 50 -3.88 41.47 8.43
C GLU A 50 -4.54 41.04 7.13
N THR A 51 -3.94 40.04 6.45
CA THR A 51 -4.54 39.53 5.23
C THR A 51 -5.95 39.02 5.48
N LEU A 52 -6.19 38.42 6.64
CA LEU A 52 -7.54 37.96 6.98
C LEU A 52 -8.52 39.12 7.00
N CYS A 53 -8.20 40.18 7.76
CA CYS A 53 -9.08 41.35 7.79
C CYS A 53 -9.24 41.95 6.41
N MET A 54 -8.21 41.87 5.57
CA MET A 54 -8.34 42.34 4.20
C MET A 54 -9.34 41.49 3.43
N ALA A 55 -9.11 40.18 3.39
CA ALA A 55 -10.06 39.28 2.73
C ALA A 55 -11.46 39.42 3.29
N GLU A 56 -11.58 39.73 4.58
CA GLU A 56 -12.89 39.92 5.19
C GLU A 56 -13.53 41.23 4.77
N LYS A 57 -12.81 42.10 4.07
CA LYS A 57 -13.41 43.33 3.55
C LYS A 57 -14.40 43.02 2.43
N THR A 58 -14.12 42.01 1.62
CA THR A 58 -15.06 41.60 0.58
C THR A 58 -16.36 41.11 1.19
N LEU A 59 -16.27 40.13 2.08
CA LEU A 59 -17.46 39.58 2.74
C LEU A 59 -17.87 40.48 3.90
N VAL A 60 -18.05 41.78 3.64
CA VAL A 60 -18.46 42.70 4.69
C VAL A 60 -19.96 42.65 4.93
N ALA A 61 -20.74 42.17 3.96
CA ALA A 61 -22.19 42.07 4.16
C ALA A 61 -22.56 40.83 4.95
N LYS A 62 -21.91 39.69 4.66
CA LYS A 62 -22.25 38.46 5.38
C LYS A 62 -21.93 38.58 6.87
N LEU A 63 -20.93 39.40 7.22
CA LEU A 63 -20.51 39.55 8.61
C LEU A 63 -21.39 40.53 9.38
N VAL A 64 -21.75 41.66 8.77
CA VAL A 64 -22.54 42.66 9.49
C VAL A 64 -23.92 42.11 9.82
N ALA A 65 -24.63 41.60 8.81
CA ALA A 65 -25.96 41.06 9.03
C ALA A 65 -25.96 39.85 9.94
N ASN A 66 -24.82 39.16 10.06
CA ASN A 66 -24.71 37.99 10.93
C ASN A 66 -24.20 38.34 12.33
N GLY A 67 -23.89 39.61 12.58
CA GLY A 67 -23.44 40.01 13.91
C GLY A 67 -22.15 39.36 14.35
N ILE A 68 -21.19 39.21 13.44
CA ILE A 68 -19.90 38.62 13.75
C ILE A 68 -18.74 39.52 13.38
N GLN A 69 -19.03 40.77 13.00
CA GLN A 69 -17.98 41.68 12.55
C GLN A 69 -16.95 41.93 13.65
N ASN A 70 -17.40 42.08 14.89
CA ASN A 70 -16.55 42.42 16.02
C ASN A 70 -16.32 41.22 16.94
N LYS A 71 -16.18 40.04 16.35
CA LYS A 71 -15.87 38.83 17.09
C LYS A 71 -14.40 38.48 16.94
N GLU A 72 -13.92 37.63 17.85
CA GLU A 72 -12.52 37.22 17.82
C GLU A 72 -12.19 36.57 16.48
N ALA A 73 -10.91 36.66 16.09
CA ALA A 73 -10.50 36.15 14.79
C ALA A 73 -10.85 34.68 14.62
N GLU A 74 -10.60 33.87 15.66
CA GLU A 74 -10.89 32.44 15.55
C GLU A 74 -12.39 32.17 15.39
N VAL A 75 -13.24 32.99 16.01
CA VAL A 75 -14.68 32.79 15.90
C VAL A 75 -15.17 33.18 14.51
N ARG A 76 -14.50 34.13 13.85
CA ARG A 76 -14.92 34.54 12.52
C ARG A 76 -14.59 33.46 11.49
N ILE A 77 -13.35 32.96 11.51
CA ILE A 77 -12.91 31.92 10.59
C ILE A 77 -13.82 30.71 10.71
N PHE A 78 -13.73 29.99 11.83
CA PHE A 78 -14.57 28.82 12.06
C PHE A 78 -16.00 29.24 12.35
N HIS A 79 -16.61 29.93 11.39
CA HIS A 79 -18.00 30.37 11.47
C HIS A 79 -18.51 30.50 10.03
N CYS A 80 -17.67 31.10 9.19
CA CYS A 80 -17.86 31.00 7.74
C CYS A 80 -17.41 29.64 7.23
N CYS A 81 -16.26 29.16 7.72
CA CYS A 81 -15.82 27.81 7.40
C CYS A 81 -16.88 26.80 7.80
N GLN A 82 -17.58 27.05 8.92
CA GLN A 82 -18.73 26.24 9.29
C GLN A 82 -19.86 26.36 8.28
N CYS A 83 -19.90 27.46 7.52
CA CYS A 83 -20.94 27.63 6.51
C CYS A 83 -20.64 26.83 5.25
N THR A 84 -19.36 26.53 5.00
CA THR A 84 -19.01 25.73 3.82
C THR A 84 -19.40 24.28 4.00
N SER A 85 -19.43 23.78 5.23
CA SER A 85 -19.85 22.40 5.48
C SER A 85 -21.36 22.24 5.35
N VAL A 86 -22.13 23.24 5.79
CA VAL A 86 -23.57 23.21 5.58
C VAL A 86 -23.89 23.09 4.10
N GLU A 87 -23.07 23.71 3.24
CA GLU A 87 -23.30 23.61 1.81
C GLU A 87 -22.87 22.25 1.27
N THR A 88 -21.75 21.72 1.75
CA THR A 88 -21.30 20.40 1.30
C THR A 88 -22.28 19.32 1.71
N VAL A 89 -22.88 19.43 2.90
CA VAL A 89 -23.86 18.46 3.35
C VAL A 89 -25.06 18.45 2.40
N THR A 90 -25.47 19.63 1.93
CA THR A 90 -26.57 19.71 0.98
C THR A 90 -26.18 19.04 -0.34
N GLU A 91 -25.01 19.39 -0.87
CA GLU A 91 -24.54 18.77 -2.10
C GLU A 91 -24.42 17.27 -1.96
N LEU A 92 -23.91 16.80 -0.82
CA LEU A 92 -23.81 15.37 -0.58
C LEU A 92 -25.17 14.70 -0.57
N THR A 93 -26.16 15.31 0.09
CA THR A 93 -27.50 14.74 0.12
C THR A 93 -28.04 14.54 -1.29
N GLU A 94 -27.72 15.47 -2.21
CA GLU A 94 -28.15 15.31 -3.59
C GLU A 94 -27.28 14.28 -4.33
N PHE A 95 -25.97 14.29 -4.09
CA PHE A 95 -25.11 13.29 -4.70
C PHE A 95 -25.52 11.87 -4.31
N ALA A 96 -26.07 11.71 -3.11
CA ALA A 96 -26.47 10.38 -2.66
C ALA A 96 -27.62 9.82 -3.48
N LYS A 97 -28.46 10.69 -4.04
CA LYS A 97 -29.58 10.22 -4.86
C LYS A 97 -29.09 9.43 -6.07
N ALA A 98 -27.92 9.76 -6.60
CA ALA A 98 -27.38 9.02 -7.74
C ALA A 98 -26.88 7.63 -7.36
N ILE A 99 -26.74 7.35 -6.07
CA ILE A 99 -26.32 6.02 -5.61
C ILE A 99 -27.50 5.08 -5.74
N PRO A 100 -27.47 4.14 -6.69
CA PRO A 100 -28.60 3.23 -6.86
C PRO A 100 -28.92 2.48 -5.58
N GLY A 101 -30.17 2.58 -5.15
CA GLY A 101 -30.63 1.95 -3.93
C GLY A 101 -30.74 2.88 -2.74
N PHE A 102 -30.06 4.02 -2.78
CA PHE A 102 -30.11 4.95 -1.65
C PHE A 102 -31.49 5.59 -1.53
N ALA A 103 -32.03 6.09 -2.64
CA ALA A 103 -33.35 6.71 -2.62
C ALA A 103 -34.44 5.71 -2.26
N ASN A 104 -34.19 4.41 -2.42
CA ASN A 104 -35.17 3.40 -2.11
C ASN A 104 -35.18 3.00 -0.64
N LEU A 105 -34.16 3.38 0.13
CA LEU A 105 -34.10 3.02 1.53
C LEU A 105 -35.09 3.85 2.35
N ASP A 106 -35.35 3.39 3.57
CA ASP A 106 -36.20 4.13 4.47
C ASP A 106 -35.56 5.47 4.84
N LEU A 107 -36.40 6.49 5.03
CA LEU A 107 -35.89 7.82 5.34
C LEU A 107 -35.02 7.79 6.59
N ASN A 108 -35.42 7.02 7.61
CA ASN A 108 -34.61 6.92 8.81
C ASN A 108 -33.21 6.43 8.50
N ASP A 109 -33.08 5.50 7.56
CA ASP A 109 -31.75 5.01 7.17
C ASP A 109 -31.00 6.06 6.35
N GLN A 110 -31.69 6.72 5.43
CA GLN A 110 -31.06 7.78 4.65
C GLN A 110 -30.49 8.86 5.57
N VAL A 111 -31.33 9.37 6.49
CA VAL A 111 -30.87 10.38 7.43
C VAL A 111 -29.73 9.84 8.29
N THR A 112 -29.76 8.54 8.61
CA THR A 112 -28.71 7.97 9.43
C THR A 112 -27.41 7.83 8.66
N LEU A 113 -27.47 7.35 7.42
CA LEU A 113 -26.27 7.23 6.60
C LEU A 113 -25.62 8.58 6.39
N LEU A 114 -26.40 9.58 5.97
CA LEU A 114 -25.86 10.92 5.78
C LEU A 114 -25.42 11.54 7.09
N LYS A 115 -26.08 11.18 8.19
CA LYS A 115 -25.72 11.77 9.48
C LYS A 115 -24.28 11.44 9.87
N TYR A 116 -23.81 10.24 9.52
CA TYR A 116 -22.47 9.80 9.90
C TYR A 116 -21.47 9.84 8.77
N GLY A 117 -21.91 9.98 7.52
CA GLY A 117 -21.01 9.93 6.39
C GLY A 117 -20.62 11.29 5.83
N VAL A 118 -21.42 12.32 6.11
CA VAL A 118 -21.17 13.63 5.53
C VAL A 118 -19.77 14.11 5.86
N TYR A 119 -19.40 14.09 7.14
CA TYR A 119 -18.10 14.63 7.54
C TYR A 119 -16.96 13.69 7.16
N GLU A 120 -17.21 12.38 7.11
CA GLU A 120 -16.18 11.48 6.62
C GLU A 120 -15.88 11.72 5.15
N ALA A 121 -16.87 12.22 4.40
CA ALA A 121 -16.66 12.61 3.01
C ALA A 121 -16.19 14.05 2.86
N ILE A 122 -16.63 14.94 3.76
CA ILE A 122 -16.16 16.32 3.72
C ILE A 122 -14.65 16.38 3.89
N PHE A 123 -14.10 15.49 4.72
CA PHE A 123 -12.65 15.50 4.95
C PHE A 123 -11.90 14.84 3.81
N ALA A 124 -12.49 13.80 3.20
CA ALA A 124 -11.85 13.17 2.05
C ALA A 124 -11.79 14.14 0.88
N MET A 125 -12.92 14.76 0.53
CA MET A 125 -12.93 15.74 -0.56
C MET A 125 -12.15 16.99 -0.19
N LEU A 126 -12.06 17.31 1.10
CA LEU A 126 -11.31 18.49 1.52
C LEU A 126 -9.84 18.38 1.14
N SER A 127 -9.31 17.16 1.05
CA SER A 127 -7.93 16.96 0.65
C SER A 127 -7.66 17.44 -0.77
N SER A 128 -8.69 17.49 -1.62
CA SER A 128 -8.48 17.87 -3.01
C SER A 128 -8.02 19.31 -3.14
N VAL A 129 -8.40 20.17 -2.20
CA VAL A 129 -8.04 21.58 -2.26
C VAL A 129 -6.97 21.87 -1.21
N MET A 130 -6.11 20.90 -0.93
CA MET A 130 -5.08 21.04 0.09
C MET A 130 -3.72 20.66 -0.47
N ASN A 131 -2.69 21.37 -0.02
CA ASN A 131 -1.31 20.97 -0.23
C ASN A 131 -0.57 21.05 1.10
N LYS A 132 0.75 20.90 1.07
CA LYS A 132 1.53 20.92 2.30
C LYS A 132 1.53 22.28 2.98
N ASP A 133 1.11 23.34 2.28
CA ASP A 133 1.23 24.69 2.81
C ASP A 133 -0.10 25.39 3.05
N GLY A 134 -1.20 24.86 2.53
CA GLY A 134 -2.49 25.50 2.76
C GLY A 134 -3.59 24.80 2.00
N MET A 135 -4.75 25.44 1.97
CA MET A 135 -5.93 24.90 1.30
C MET A 135 -6.67 26.02 0.59
N LEU A 136 -7.18 25.73 -0.61
CA LEU A 136 -7.95 26.70 -1.36
C LEU A 136 -9.27 26.98 -0.64
N VAL A 137 -9.71 28.25 -0.70
CA VAL A 137 -10.94 28.68 -0.06
C VAL A 137 -11.70 29.60 -1.00
N ALA A 138 -12.98 29.78 -0.70
CA ALA A 138 -13.86 30.66 -1.48
C ALA A 138 -13.84 30.28 -2.96
N TYR A 139 -14.10 28.99 -3.21
CA TYR A 139 -14.16 28.48 -4.58
C TYR A 139 -12.87 28.80 -5.35
N GLY A 140 -11.74 28.65 -4.66
CA GLY A 140 -10.44 28.83 -5.28
C GLY A 140 -9.95 30.26 -5.36
N ASN A 141 -10.71 31.23 -4.85
CA ASN A 141 -10.27 32.61 -4.90
C ASN A 141 -9.25 32.95 -3.82
N GLY A 142 -9.33 32.27 -2.67
CA GLY A 142 -8.43 32.50 -1.57
C GLY A 142 -7.54 31.29 -1.29
N PHE A 143 -6.64 31.48 -0.32
CA PHE A 143 -5.71 30.42 0.07
C PHE A 143 -5.25 30.72 1.49
N ILE A 144 -5.79 29.98 2.46
CA ILE A 144 -5.34 30.09 3.84
C ILE A 144 -4.12 29.21 4.04
N THR A 145 -3.12 29.73 4.74
CA THR A 145 -1.88 29.00 4.96
C THR A 145 -2.06 27.98 6.08
N ARG A 146 -1.39 26.84 5.93
CA ARG A 146 -1.44 25.81 6.97
C ARG A 146 -0.88 26.32 8.29
N GLU A 147 0.05 27.28 8.23
CA GLU A 147 0.66 27.79 9.45
C GLU A 147 -0.24 28.81 10.15
N PHE A 148 -0.92 29.67 9.37
CA PHE A 148 -1.78 30.67 9.98
C PHE A 148 -2.88 30.01 10.81
N LEU A 149 -3.41 28.88 10.34
CA LEU A 149 -4.43 28.17 11.11
C LEU A 149 -3.84 27.65 12.42
N LYS A 150 -2.58 27.24 12.41
CA LYS A 150 -1.94 26.76 13.64
C LYS A 150 -1.65 27.91 14.60
N SER A 151 -1.37 29.10 14.07
CA SER A 151 -1.06 30.26 14.91
C SER A 151 -2.25 30.72 15.74
N LEU A 152 -3.46 30.28 15.41
CA LEU A 152 -4.63 30.67 16.19
C LEU A 152 -4.51 30.14 17.62
N ARG A 153 -5.30 30.73 18.52
CA ARG A 153 -5.32 30.28 19.90
C ARG A 153 -6.10 28.98 20.03
N LYS A 154 -5.61 28.10 20.90
CA LYS A 154 -6.28 26.83 21.11
C LYS A 154 -7.71 27.07 21.59
N PRO A 155 -8.63 26.14 21.32
CA PRO A 155 -8.36 24.89 20.60
C PRO A 155 -8.52 25.03 19.08
N PHE A 156 -8.84 26.23 18.61
CA PHE A 156 -9.10 26.43 17.19
C PHE A 156 -7.91 26.00 16.34
N CYS A 157 -6.69 26.23 16.83
CA CYS A 157 -5.50 25.83 16.09
C CYS A 157 -5.36 24.32 15.96
N ASP A 158 -6.17 23.55 16.69
CA ASP A 158 -6.12 22.09 16.65
C ASP A 158 -7.28 21.51 15.84
N ILE A 159 -7.92 22.31 15.01
CA ILE A 159 -9.09 21.86 14.25
C ILE A 159 -8.71 21.37 12.87
N MET A 160 -7.94 22.17 12.11
CA MET A 160 -7.64 21.85 10.73
C MET A 160 -6.34 21.09 10.55
N GLU A 161 -5.43 21.16 11.51
CA GLU A 161 -4.14 20.47 11.36
C GLU A 161 -4.32 18.98 11.12
N PRO A 162 -5.17 18.26 11.85
CA PRO A 162 -5.40 16.84 11.51
C PRO A 162 -5.89 16.63 10.09
N LYS A 163 -6.67 17.57 9.55
CA LYS A 163 -7.14 17.44 8.18
C LYS A 163 -5.98 17.56 7.19
N PHE A 164 -5.04 18.47 7.44
CA PHE A 164 -3.86 18.56 6.59
C PHE A 164 -3.02 17.28 6.67
N ASP A 165 -2.95 16.68 7.86
CA ASP A 165 -2.20 15.45 8.02
C ASP A 165 -2.80 14.33 7.17
N PHE A 166 -4.10 14.13 7.27
CA PHE A 166 -4.77 13.10 6.46
C PHE A 166 -4.63 13.41 4.97
N ALA A 167 -4.84 14.67 4.59
CA ALA A 167 -4.83 15.03 3.17
C ALA A 167 -3.49 14.72 2.53
N MET A 168 -2.39 15.01 3.23
CA MET A 168 -1.07 14.78 2.65
C MET A 168 -0.86 13.30 2.35
N LYS A 169 -1.16 12.43 3.31
CA LYS A 169 -1.05 10.99 3.06
C LYS A 169 -2.10 10.51 2.07
N PHE A 170 -3.27 11.14 2.07
CA PHE A 170 -4.34 10.72 1.15
C PHE A 170 -4.02 11.15 -0.28
N ASN A 171 -3.60 12.41 -0.47
CA ASN A 171 -3.25 12.88 -1.80
C ASN A 171 -2.11 12.10 -2.43
N ALA A 172 -1.27 11.47 -1.61
CA ALA A 172 -0.16 10.68 -2.17
C ALA A 172 -0.68 9.49 -2.98
N LEU A 173 -1.87 8.98 -2.64
CA LEU A 173 -2.44 7.89 -3.41
C LEU A 173 -2.69 8.28 -4.86
N GLU A 174 -2.75 9.57 -5.16
CA GLU A 174 -2.82 10.06 -6.55
C GLU A 174 -4.12 9.65 -7.21
N LEU A 175 -5.24 9.99 -6.58
CA LEU A 175 -6.56 9.68 -7.10
C LEU A 175 -7.11 10.85 -7.90
N ASP A 176 -7.99 10.53 -8.85
CA ASP A 176 -8.71 11.54 -9.62
C ASP A 176 -10.17 11.55 -9.20
N ASP A 177 -10.90 12.58 -9.66
CA ASP A 177 -12.30 12.72 -9.31
C ASP A 177 -13.09 11.44 -9.60
N SER A 178 -12.69 10.70 -10.65
CA SER A 178 -13.35 9.44 -10.94
C SER A 178 -13.26 8.48 -9.78
N ASP A 179 -12.11 8.44 -9.11
CA ASP A 179 -11.93 7.55 -7.96
C ASP A 179 -12.58 8.13 -6.71
N ILE A 180 -12.42 9.44 -6.48
CA ILE A 180 -12.96 10.07 -5.28
C ILE A 180 -14.48 9.94 -5.24
N SER A 181 -15.12 10.02 -6.40
CA SER A 181 -16.58 9.90 -6.47
C SER A 181 -17.03 8.55 -5.92
N LEU A 182 -16.51 7.47 -6.48
CA LEU A 182 -16.86 6.13 -5.98
C LEU A 182 -16.50 6.00 -4.51
N PHE A 183 -15.35 6.53 -4.11
CA PHE A 183 -14.94 6.46 -2.72
C PHE A 183 -15.95 7.15 -1.81
N VAL A 184 -16.37 8.36 -2.19
CA VAL A 184 -17.35 9.09 -1.38
C VAL A 184 -18.67 8.32 -1.35
N ALA A 185 -19.05 7.70 -2.47
CA ALA A 185 -20.27 6.91 -2.50
C ALA A 185 -20.17 5.73 -1.53
N ALA A 186 -19.00 5.10 -1.47
CA ALA A 186 -18.82 3.98 -0.55
C ALA A 186 -18.91 4.46 0.91
N ILE A 187 -18.41 5.66 1.20
CA ILE A 187 -18.51 6.19 2.56
C ILE A 187 -19.96 6.34 2.97
N ILE A 188 -20.79 6.87 2.08
CA ILE A 188 -22.21 7.07 2.41
C ILE A 188 -22.90 5.73 2.62
N CYS A 189 -22.59 4.74 1.77
CA CYS A 189 -23.18 3.41 1.88
C CYS A 189 -22.29 2.57 2.79
N CYS A 190 -22.52 2.69 4.10
CA CYS A 190 -21.76 1.96 5.11
C CYS A 190 -22.74 1.36 6.10
N GLY A 191 -22.93 0.05 6.03
CA GLY A 191 -23.88 -0.63 6.88
C GLY A 191 -23.43 -0.79 8.31
N ASP A 192 -22.38 -0.07 8.70
CA ASP A 192 -21.84 -0.13 10.05
C ASP A 192 -22.30 1.03 10.92
N ARG A 193 -23.03 1.99 10.36
CA ARG A 193 -23.45 3.15 11.14
C ARG A 193 -24.38 2.72 12.27
N PRO A 194 -24.31 3.36 13.43
CA PRO A 194 -25.19 2.98 14.54
C PRO A 194 -26.64 3.28 14.23
N GLY A 195 -27.51 2.42 14.75
CA GLY A 195 -28.95 2.62 14.62
C GLY A 195 -29.54 2.31 13.27
N LEU A 196 -28.75 1.76 12.35
CA LEU A 196 -29.29 1.41 11.04
C LEU A 196 -30.36 0.34 11.17
N LEU A 197 -31.51 0.57 10.54
CA LEU A 197 -32.63 -0.35 10.62
C LEU A 197 -32.36 -1.59 9.78
N ASN A 198 -32.59 -1.50 8.47
CA ASN A 198 -32.38 -2.62 7.55
C ASN A 198 -30.88 -2.77 7.26
N VAL A 199 -30.14 -3.14 8.30
CA VAL A 199 -28.69 -3.32 8.18
C VAL A 199 -28.34 -4.33 7.11
N GLY A 200 -29.26 -5.21 6.75
CA GLY A 200 -28.95 -6.22 5.74
C GLY A 200 -28.94 -5.66 4.33
N HIS A 201 -29.97 -4.87 3.99
CA HIS A 201 -30.06 -4.33 2.64
C HIS A 201 -28.89 -3.39 2.34
N ILE A 202 -28.60 -2.46 3.25
CA ILE A 202 -27.53 -1.51 3.03
C ILE A 202 -26.23 -2.23 2.70
N GLU A 203 -25.99 -3.37 3.34
CA GLU A 203 -24.80 -4.16 3.01
C GLU A 203 -24.84 -4.63 1.56
N LYS A 204 -26.02 -4.95 1.04
CA LYS A 204 -26.13 -5.28 -0.37
C LYS A 204 -25.77 -4.10 -1.25
N MET A 205 -26.27 -2.91 -0.89
CA MET A 205 -25.97 -1.72 -1.68
C MET A 205 -24.49 -1.33 -1.56
N GLN A 206 -23.89 -1.55 -0.39
CA GLN A 206 -22.48 -1.22 -0.22
C GLN A 206 -21.60 -2.17 -1.02
N GLU A 207 -21.94 -3.46 -1.06
CA GLU A 207 -21.15 -4.41 -1.83
C GLU A 207 -21.12 -4.04 -3.30
N GLY A 208 -22.24 -3.55 -3.84
CA GLY A 208 -22.27 -3.14 -5.23
C GLY A 208 -21.36 -1.96 -5.51
N ILE A 209 -21.36 -0.97 -4.61
CA ILE A 209 -20.49 0.19 -4.78
C ILE A 209 -19.04 -0.18 -4.53
N VAL A 210 -18.78 -0.85 -3.39
CA VAL A 210 -17.40 -1.22 -3.06
C VAL A 210 -16.82 -2.15 -4.12
N HIS A 211 -17.68 -2.92 -4.80
CA HIS A 211 -17.19 -3.79 -5.87
C HIS A 211 -16.79 -2.98 -7.10
N VAL A 212 -17.63 -2.02 -7.49
CA VAL A 212 -17.28 -1.15 -8.61
C VAL A 212 -16.04 -0.33 -8.28
N LEU A 213 -15.87 0.05 -7.02
CA LEU A 213 -14.68 0.79 -6.62
C LEU A 213 -13.42 -0.07 -6.76
N ARG A 214 -13.49 -1.34 -6.32
CA ARG A 214 -12.34 -2.22 -6.44
C ARG A 214 -11.99 -2.47 -7.91
N LEU A 215 -13.00 -2.71 -8.74
CA LEU A 215 -12.75 -2.94 -10.16
C LEU A 215 -12.33 -1.65 -10.87
N HIS A 216 -12.87 -0.51 -10.45
CA HIS A 216 -12.50 0.76 -11.07
C HIS A 216 -11.06 1.11 -10.78
N LEU A 217 -10.64 1.00 -9.52
CA LEU A 217 -9.24 1.26 -9.17
C LEU A 217 -8.30 0.33 -9.91
N GLN A 218 -8.65 -0.96 -9.98
CA GLN A 218 -7.82 -1.92 -10.70
C GLN A 218 -7.68 -1.55 -12.17
N SER A 219 -8.68 -0.87 -12.73
CA SER A 219 -8.66 -0.48 -14.13
C SER A 219 -8.01 0.86 -14.37
N ASN A 220 -8.05 1.76 -13.39
CA ASN A 220 -7.51 3.11 -13.57
C ASN A 220 -6.09 3.23 -13.05
N HIS A 221 -5.74 2.50 -12.00
CA HIS A 221 -4.40 2.50 -11.42
C HIS A 221 -3.90 1.05 -11.42
N PRO A 222 -3.48 0.53 -12.58
CA PRO A 222 -3.13 -0.90 -12.65
C PRO A 222 -1.87 -1.26 -11.88
N ASP A 223 -0.94 -0.32 -11.70
CA ASP A 223 0.31 -0.63 -11.02
C ASP A 223 0.19 -0.60 -9.51
N ASP A 224 -0.85 0.06 -8.97
CA ASP A 224 -1.05 0.10 -7.51
C ASP A 224 -1.92 -1.09 -7.12
N ILE A 225 -1.26 -2.24 -6.96
CA ILE A 225 -1.97 -3.49 -6.71
C ILE A 225 -2.86 -3.36 -5.47
N PHE A 226 -2.31 -2.79 -4.40
CA PHE A 226 -3.00 -2.70 -3.12
C PHE A 226 -3.63 -1.34 -2.90
N LEU A 227 -3.96 -0.61 -3.96
CA LEU A 227 -4.63 0.67 -3.80
C LEU A 227 -5.99 0.51 -3.11
N PHE A 228 -6.73 -0.54 -3.48
CA PHE A 228 -8.01 -0.79 -2.81
C PHE A 228 -7.83 -1.04 -1.32
N PRO A 229 -6.93 -1.93 -0.88
CA PRO A 229 -6.71 -2.05 0.57
C PRO A 229 -6.30 -0.75 1.22
N LYS A 230 -5.48 0.06 0.54
CA LYS A 230 -5.08 1.35 1.11
C LYS A 230 -6.29 2.25 1.32
N LEU A 231 -7.22 2.26 0.37
CA LEU A 231 -8.42 3.08 0.53
C LEU A 231 -9.31 2.55 1.65
N LEU A 232 -9.38 1.23 1.82
CA LEU A 232 -10.11 0.66 2.94
C LEU A 232 -9.52 1.14 4.26
N GLN A 233 -8.19 1.24 4.34
CA GLN A 233 -7.57 1.80 5.53
C GLN A 233 -7.94 3.27 5.70
N LYS A 234 -7.94 4.02 4.60
CA LYS A 234 -8.31 5.44 4.67
C LYS A 234 -9.74 5.61 5.17
N MET A 235 -10.64 4.70 4.80
CA MET A 235 -12.00 4.77 5.32
C MET A 235 -12.02 4.62 6.84
N ALA A 236 -11.12 3.80 7.38
CA ALA A 236 -11.02 3.66 8.82
C ALA A 236 -10.48 4.93 9.45
N ASP A 237 -9.43 5.51 8.86
CA ASP A 237 -8.86 6.74 9.39
C ASP A 237 -9.89 7.87 9.37
N LEU A 238 -10.71 7.93 8.32
CA LEU A 238 -11.73 8.97 8.23
C LEU A 238 -12.73 8.84 9.37
N ARG A 239 -13.14 7.61 9.69
CA ARG A 239 -14.03 7.40 10.83
C ARG A 239 -13.40 7.87 12.13
N GLN A 240 -12.12 7.53 12.32
CA GLN A 240 -11.40 8.03 13.50
C GLN A 240 -11.28 9.54 13.46
N LEU A 241 -10.98 10.10 12.29
CA LEU A 241 -10.83 11.55 12.17
C LEU A 241 -12.12 12.27 12.54
N VAL A 242 -13.26 11.74 12.09
CA VAL A 242 -14.54 12.38 12.41
C VAL A 242 -14.85 12.24 13.90
N THR A 243 -14.55 11.08 14.48
CA THR A 243 -14.80 10.88 15.90
C THR A 243 -14.06 11.91 16.74
N GLU A 244 -12.75 12.03 16.54
CA GLU A 244 -11.97 13.01 17.28
C GLU A 244 -12.47 14.43 17.02
N HIS A 245 -12.84 14.72 15.76
CA HIS A 245 -13.34 16.05 15.43
C HIS A 245 -14.64 16.34 16.16
N ALA A 246 -15.61 15.43 16.06
CA ALA A 246 -16.89 15.64 16.73
C ALA A 246 -16.71 15.81 18.23
N GLN A 247 -15.74 15.12 18.82
CA GLN A 247 -15.47 15.31 20.25
C GLN A 247 -14.96 16.73 20.53
N LEU A 248 -14.17 17.29 19.61
CA LEU A 248 -13.63 18.62 19.82
C LEU A 248 -14.67 19.70 19.59
N VAL A 249 -15.77 19.40 18.89
CA VAL A 249 -16.84 20.37 18.72
C VAL A 249 -17.65 20.51 20.00
N GLN A 250 -17.96 19.39 20.66
CA GLN A 250 -18.66 19.46 21.94
C GLN A 250 -17.82 20.19 22.99
N ILE A 251 -16.50 19.96 22.98
CA ILE A 251 -15.62 20.64 23.92
C ILE A 251 -15.66 22.15 23.69
N ILE A 252 -15.55 22.56 22.42
CA ILE A 252 -15.57 23.97 22.09
C ILE A 252 -16.98 24.56 22.17
N LYS A 253 -18.01 23.72 22.17
CA LYS A 253 -19.38 24.24 22.16
C LYS A 253 -19.77 24.80 23.52
N LYS A 254 -19.22 24.26 24.61
CA LYS A 254 -19.55 24.72 25.95
C LYS A 254 -18.48 25.63 26.55
N THR A 255 -17.20 25.34 26.30
CA THR A 255 -16.11 26.16 26.84
C THR A 255 -15.90 27.45 26.06
N GLU A 256 -16.64 27.67 24.97
CA GLU A 256 -16.55 28.88 24.18
C GLU A 256 -17.95 29.48 24.06
N SER A 257 -18.18 30.57 24.80
CA SER A 257 -19.50 31.19 24.84
C SER A 257 -19.73 32.17 23.70
N ASP A 258 -18.81 32.27 22.75
CA ASP A 258 -18.95 33.20 21.63
C ASP A 258 -19.03 32.51 20.28
N ALA A 259 -18.89 31.18 20.23
CA ALA A 259 -18.94 30.42 18.99
C ALA A 259 -20.24 29.62 18.98
N ALA A 260 -21.26 30.15 18.33
CA ALA A 260 -22.57 29.52 18.26
C ALA A 260 -22.60 28.54 17.10
N LEU A 261 -22.82 27.26 17.42
CA LEU A 261 -22.86 26.24 16.39
C LEU A 261 -24.04 26.46 15.44
N HIS A 262 -23.87 26.01 14.20
CA HIS A 262 -24.93 26.17 13.22
C HIS A 262 -26.08 25.22 13.53
N PRO A 263 -27.33 25.61 13.26
CA PRO A 263 -28.45 24.70 13.57
C PRO A 263 -28.37 23.38 12.82
N LEU A 264 -28.23 23.42 11.50
CA LEU A 264 -28.18 22.18 10.72
C LEU A 264 -27.06 21.27 11.20
N LEU A 265 -25.85 21.82 11.34
CA LEU A 265 -24.75 21.03 11.89
C LEU A 265 -24.99 20.64 13.34
N GLN A 266 -25.84 21.37 14.05
CA GLN A 266 -26.12 21.03 15.44
C GLN A 266 -26.88 19.70 15.54
N GLU A 267 -27.76 19.44 14.57
CA GLU A 267 -28.47 18.16 14.56
C GLU A 267 -27.55 17.00 14.21
N ILE A 268 -26.57 17.24 13.33
CA ILE A 268 -25.67 16.16 12.93
C ILE A 268 -24.76 15.76 14.09
N TYR A 269 -24.23 16.75 14.81
CA TYR A 269 -23.32 16.46 15.92
C TYR A 269 -24.03 15.94 17.17
N ARG A 270 -25.36 15.97 17.21
CA ARG A 270 -26.08 15.55 18.41
C ARG A 270 -26.02 14.04 18.56
N ASP A 271 -25.53 13.59 19.72
CA ASP A 271 -25.48 12.17 20.05
C ASP A 271 -24.78 11.36 18.94
N MET A 272 -23.63 11.86 18.50
CA MET A 272 -22.86 11.17 17.48
C MET A 272 -21.93 10.14 18.12
N TYR A 273 -20.72 10.57 18.50
CA TYR A 273 -19.78 9.68 19.15
C TYR A 273 -19.53 10.11 20.60
N THR B 5 39.95 -8.58 -16.37
CA THR B 5 40.20 -8.60 -17.80
C THR B 5 38.92 -8.40 -18.60
N ALA B 6 39.06 -8.21 -19.91
CA ALA B 6 37.89 -7.96 -20.76
C ALA B 6 37.10 -9.24 -21.04
N ASP B 7 37.75 -10.40 -20.96
CA ASP B 7 37.05 -11.66 -21.26
C ASP B 7 36.03 -11.97 -20.17
N LEU B 8 36.48 -12.04 -18.91
CA LEU B 8 35.58 -12.38 -17.82
C LEU B 8 34.67 -11.22 -17.43
N LYS B 9 35.13 -9.98 -17.63
CA LYS B 9 34.27 -8.83 -17.34
C LYS B 9 32.99 -8.87 -18.16
N SER B 10 33.04 -9.50 -19.34
CA SER B 10 31.83 -9.65 -20.14
C SER B 10 30.92 -10.73 -19.58
N LEU B 11 31.51 -11.81 -19.05
CA LEU B 11 30.71 -12.86 -18.45
C LEU B 11 30.00 -12.37 -17.19
N ALA B 12 30.58 -11.41 -16.49
CA ALA B 12 29.95 -10.87 -15.28
C ALA B 12 28.71 -10.05 -15.64
N LYS B 13 28.82 -9.20 -16.67
CA LYS B 13 27.66 -8.44 -17.10
C LYS B 13 26.65 -9.29 -17.86
N ARG B 14 27.09 -10.42 -18.43
CA ARG B 14 26.14 -11.35 -19.04
C ARG B 14 25.25 -11.97 -17.98
N ILE B 15 25.86 -12.62 -16.97
CA ILE B 15 25.09 -13.14 -15.85
C ILE B 15 24.27 -12.03 -15.21
N TYR B 16 24.81 -10.82 -15.17
CA TYR B 16 24.07 -9.69 -14.62
C TYR B 16 22.84 -9.38 -15.47
N GLU B 17 22.98 -9.46 -16.79
CA GLU B 17 21.84 -9.19 -17.67
C GLU B 17 20.74 -10.23 -17.49
N ALA B 18 21.11 -11.51 -17.47
CA ALA B 18 20.12 -12.56 -17.23
C ALA B 18 19.46 -12.41 -15.87
N TYR B 19 20.17 -11.83 -14.90
CA TYR B 19 19.58 -11.62 -13.57
C TYR B 19 18.54 -10.51 -13.62
N LEU B 20 18.87 -9.40 -14.28
CA LEU B 20 17.94 -8.28 -14.33
C LEU B 20 16.72 -8.57 -15.20
N LYS B 21 16.88 -9.37 -16.25
CA LYS B 21 15.79 -9.64 -17.17
C LYS B 21 14.93 -10.83 -16.75
N ASN B 22 15.43 -11.69 -15.86
CA ASN B 22 14.65 -12.84 -15.41
C ASN B 22 14.05 -12.66 -14.03
N PHE B 23 14.53 -11.68 -13.25
CA PHE B 23 13.99 -11.39 -11.93
C PHE B 23 13.52 -9.94 -11.92
N ASN B 24 12.20 -9.74 -11.98
CA ASN B 24 11.66 -8.39 -12.01
C ASN B 24 12.04 -7.62 -10.74
N MET B 25 11.98 -8.29 -9.59
CA MET B 25 12.28 -7.66 -8.30
C MET B 25 13.75 -7.91 -7.96
N ASN B 26 14.55 -6.86 -7.98
CA ASN B 26 15.96 -6.93 -7.60
C ASN B 26 16.20 -6.06 -6.38
N LYS B 27 17.47 -6.03 -5.93
CA LYS B 27 17.78 -5.34 -4.68
C LYS B 27 17.71 -3.82 -4.84
N VAL B 28 18.18 -3.29 -5.97
CA VAL B 28 18.13 -1.84 -6.17
C VAL B 28 16.68 -1.36 -6.21
N LYS B 29 15.81 -2.12 -6.86
CA LYS B 29 14.39 -1.75 -6.92
C LYS B 29 13.75 -1.82 -5.54
N ALA B 30 14.19 -2.76 -4.70
CA ALA B 30 13.62 -2.89 -3.35
C ALA B 30 14.15 -1.83 -2.40
N ARG B 31 15.44 -1.53 -2.47
CA ARG B 31 16.02 -0.50 -1.61
C ARG B 31 15.32 0.84 -1.81
N VAL B 32 14.85 1.12 -3.02
CA VAL B 32 14.13 2.36 -3.28
C VAL B 32 12.81 2.38 -2.53
N ILE B 33 12.00 1.33 -2.70
CA ILE B 33 10.71 1.26 -2.02
C ILE B 33 10.88 1.36 -0.52
N LEU B 34 11.88 0.65 0.03
CA LEU B 34 12.08 0.67 1.47
C LEU B 34 12.52 2.04 1.97
N SER B 35 13.22 2.80 1.13
CA SER B 35 13.69 4.12 1.54
C SER B 35 12.57 5.15 1.51
N GLY B 36 11.78 5.16 0.44
CA GLY B 36 10.71 6.13 0.28
C GLY B 36 11.13 7.46 -0.29
N LYS B 37 12.43 7.66 -0.55
CA LYS B 37 12.91 8.92 -1.10
C LYS B 37 12.57 9.10 -2.58
N ALA B 38 11.88 8.13 -3.20
CA ALA B 38 11.50 8.24 -4.61
C ALA B 38 10.00 8.17 -4.81
N SER B 39 9.20 8.24 -3.75
CA SER B 39 7.75 8.20 -3.86
C SER B 39 7.10 8.30 -2.50
N ASN B 40 5.95 8.97 -2.42
CA ASN B 40 5.21 9.11 -1.18
C ASN B 40 4.09 8.10 -1.03
N ASN B 41 4.00 7.12 -1.94
CA ASN B 41 2.98 6.09 -1.87
C ASN B 41 3.57 4.81 -1.29
N PRO B 42 3.57 4.66 0.03
CA PRO B 42 4.20 3.49 0.64
C PRO B 42 3.39 2.23 0.36
N PRO B 43 4.02 1.06 0.46
CA PRO B 43 3.29 -0.19 0.27
C PRO B 43 2.32 -0.44 1.41
N PHE B 44 1.29 -1.23 1.11
CA PHE B 44 0.30 -1.58 2.12
C PHE B 44 0.91 -2.53 3.14
N VAL B 45 0.86 -2.14 4.41
CA VAL B 45 1.47 -2.92 5.48
C VAL B 45 0.49 -3.97 5.97
N ILE B 46 0.96 -5.21 6.08
CA ILE B 46 0.18 -6.32 6.60
C ILE B 46 0.78 -6.67 7.95
N HIS B 47 0.16 -6.18 9.03
CA HIS B 47 0.72 -6.34 10.37
C HIS B 47 -0.19 -7.10 11.32
N ASP B 48 -1.35 -7.56 10.88
CA ASP B 48 -2.25 -8.34 11.72
C ASP B 48 -3.30 -8.99 10.82
N MET B 49 -4.22 -9.72 11.45
CA MET B 49 -5.24 -10.44 10.68
C MET B 49 -6.13 -9.47 9.91
N GLU B 50 -6.47 -8.34 10.51
CA GLU B 50 -7.38 -7.40 9.85
C GLU B 50 -6.75 -6.84 8.57
N THR B 51 -5.49 -6.42 8.66
CA THR B 51 -4.80 -5.92 7.46
C THR B 51 -4.60 -7.03 6.44
N LEU B 52 -4.54 -8.29 6.88
CA LEU B 52 -4.41 -9.40 5.93
C LEU B 52 -5.71 -9.60 5.15
N CYS B 53 -6.85 -9.56 5.83
CA CYS B 53 -8.12 -9.66 5.13
C CYS B 53 -8.30 -8.53 4.13
N MET B 54 -7.92 -7.31 4.52
CA MET B 54 -8.00 -6.19 3.59
C MET B 54 -7.16 -6.45 2.34
N ALA B 55 -5.90 -6.81 2.52
CA ALA B 55 -5.05 -7.15 1.37
C ALA B 55 -5.61 -8.33 0.61
N GLU B 56 -6.26 -9.25 1.31
CA GLU B 56 -6.77 -10.48 0.69
C GLU B 56 -8.02 -10.20 -0.11
N LYS B 57 -8.33 -8.92 -0.32
CA LYS B 57 -9.46 -8.50 -1.12
C LYS B 57 -9.08 -8.21 -2.57
N THR B 58 -7.82 -7.84 -2.82
CA THR B 58 -7.32 -7.82 -4.19
C THR B 58 -7.39 -9.22 -4.79
N LEU B 59 -6.63 -10.15 -4.21
CA LEU B 59 -6.93 -11.56 -4.41
C LEU B 59 -8.31 -11.87 -3.82
N VAL B 60 -8.92 -12.94 -4.31
CA VAL B 60 -10.20 -13.40 -3.80
C VAL B 60 -10.77 -14.46 -4.75
N ALA B 61 -11.01 -14.07 -6.00
CA ALA B 61 -11.50 -15.05 -6.97
C ALA B 61 -10.58 -16.26 -7.04
N LYS B 62 -9.32 -16.08 -6.66
CA LYS B 62 -8.28 -17.12 -6.69
C LYS B 62 -8.02 -17.67 -5.30
N LEU B 63 -9.05 -18.18 -4.63
CA LEU B 63 -8.91 -18.34 -3.19
C LEU B 63 -9.46 -19.62 -2.55
N VAL B 64 -10.72 -20.03 -2.74
CA VAL B 64 -11.70 -19.78 -3.81
C VAL B 64 -11.32 -20.64 -5.01
N ALA B 65 -10.60 -20.10 -6.00
CA ALA B 65 -10.11 -20.94 -7.07
C ALA B 65 -9.26 -22.08 -6.54
N ASN B 66 -8.67 -21.90 -5.36
CA ASN B 66 -7.87 -22.92 -4.70
C ASN B 66 -8.57 -23.55 -3.49
N GLY B 67 -9.68 -22.97 -3.03
CA GLY B 67 -10.43 -23.56 -1.93
C GLY B 67 -10.02 -23.07 -0.56
N ILE B 68 -9.97 -21.75 -0.37
CA ILE B 68 -9.60 -21.18 0.91
C ILE B 68 -10.60 -20.08 1.28
N GLN B 69 -10.13 -19.07 2.01
CA GLN B 69 -11.00 -18.07 2.64
C GLN B 69 -11.74 -18.68 3.81
N ASN B 70 -12.05 -19.98 3.72
CA ASN B 70 -12.50 -20.73 4.89
C ASN B 70 -11.32 -21.15 5.76
N LYS B 71 -10.17 -21.43 5.13
CA LYS B 71 -9.03 -22.00 5.85
C LYS B 71 -8.41 -20.97 6.79
N GLU B 72 -7.41 -21.42 7.53
CA GLU B 72 -6.73 -20.59 8.51
C GLU B 72 -5.80 -19.61 7.82
N ALA B 73 -5.61 -18.44 8.46
CA ALA B 73 -4.73 -17.43 7.90
C ALA B 73 -3.34 -17.99 7.63
N GLU B 74 -2.85 -18.87 8.51
CA GLU B 74 -1.55 -19.48 8.30
C GLU B 74 -1.52 -20.28 7.00
N VAL B 75 -2.65 -20.87 6.62
CA VAL B 75 -2.70 -21.64 5.37
C VAL B 75 -2.75 -20.72 4.17
N ARG B 76 -3.58 -19.68 4.22
CA ARG B 76 -3.70 -18.77 3.09
C ARG B 76 -2.37 -18.09 2.79
N ILE B 77 -1.66 -17.65 3.82
CA ILE B 77 -0.39 -16.96 3.66
C ILE B 77 0.59 -17.86 2.91
N PHE B 78 0.98 -18.97 3.54
CA PHE B 78 1.97 -19.85 2.93
C PHE B 78 1.40 -20.66 1.76
N HIS B 79 0.09 -20.59 1.52
CA HIS B 79 -0.44 -21.11 0.27
C HIS B 79 -0.04 -20.22 -0.90
N CYS B 80 -0.14 -18.91 -0.72
CA CYS B 80 0.32 -17.97 -1.73
C CYS B 80 1.83 -17.93 -1.82
N CYS B 81 2.51 -18.04 -0.67
CA CYS B 81 3.97 -18.04 -0.67
C CYS B 81 4.54 -19.14 -1.57
N GLN B 82 3.85 -20.29 -1.63
CA GLN B 82 4.33 -21.37 -2.50
C GLN B 82 4.30 -20.94 -3.96
N CYS B 83 3.27 -20.20 -4.37
CA CYS B 83 3.21 -19.71 -5.74
C CYS B 83 4.37 -18.78 -6.04
N THR B 84 4.75 -17.94 -5.08
CA THR B 84 5.88 -17.05 -5.28
C THR B 84 7.17 -17.85 -5.53
N SER B 85 7.33 -18.97 -4.83
CA SER B 85 8.51 -19.80 -5.04
C SER B 85 8.45 -20.52 -6.38
N VAL B 86 7.26 -21.02 -6.76
CA VAL B 86 7.12 -21.70 -8.04
C VAL B 86 7.50 -20.75 -9.18
N GLU B 87 7.15 -19.48 -9.06
CA GLU B 87 7.56 -18.49 -10.06
C GLU B 87 9.07 -18.33 -10.08
N THR B 88 9.68 -18.20 -8.90
CA THR B 88 11.12 -18.04 -8.83
C THR B 88 11.85 -19.26 -9.39
N VAL B 89 11.28 -20.46 -9.20
CA VAL B 89 11.89 -21.66 -9.77
C VAL B 89 11.90 -21.60 -11.28
N THR B 90 10.89 -20.95 -11.87
CA THR B 90 10.88 -20.76 -13.32
C THR B 90 11.92 -19.73 -13.73
N GLU B 91 11.95 -18.59 -13.04
CA GLU B 91 12.95 -17.56 -13.35
C GLU B 91 14.36 -18.10 -13.21
N LEU B 92 14.62 -18.87 -12.15
CA LEU B 92 15.94 -19.45 -11.97
C LEU B 92 16.29 -20.42 -13.10
N THR B 93 15.32 -21.19 -13.57
CA THR B 93 15.57 -22.12 -14.65
C THR B 93 15.97 -21.38 -15.93
N GLU B 94 15.27 -20.30 -16.25
CA GLU B 94 15.64 -19.49 -17.40
C GLU B 94 16.96 -18.77 -17.17
N PHE B 95 17.18 -18.27 -15.95
CA PHE B 95 18.45 -17.63 -15.63
C PHE B 95 19.62 -18.59 -15.77
N ALA B 96 19.37 -19.88 -15.60
CA ALA B 96 20.44 -20.87 -15.73
C ALA B 96 20.94 -21.02 -17.16
N LYS B 97 20.15 -20.60 -18.15
CA LYS B 97 20.58 -20.70 -19.54
C LYS B 97 21.80 -19.81 -19.79
N ALA B 98 21.75 -18.55 -19.36
CA ALA B 98 22.85 -17.63 -19.60
C ALA B 98 24.18 -18.13 -19.05
N ILE B 99 24.15 -19.04 -18.09
CA ILE B 99 25.40 -19.56 -17.53
C ILE B 99 26.15 -20.34 -18.62
N PRO B 100 27.41 -20.04 -18.89
CA PRO B 100 28.13 -20.76 -19.95
C PRO B 100 28.23 -22.25 -19.66
N GLY B 101 27.92 -23.07 -20.67
CA GLY B 101 28.04 -24.50 -20.56
C GLY B 101 26.90 -25.19 -19.84
N PHE B 102 25.99 -24.45 -19.20
CA PHE B 102 24.90 -25.10 -18.48
C PHE B 102 23.96 -25.83 -19.43
N ALA B 103 23.58 -25.16 -20.53
CA ALA B 103 22.74 -25.80 -21.54
C ALA B 103 23.43 -26.95 -22.25
N ASN B 104 24.75 -27.08 -22.12
CA ASN B 104 25.50 -28.15 -22.76
C ASN B 104 25.70 -29.35 -21.84
N LEU B 105 24.94 -29.44 -20.75
CA LEU B 105 25.01 -30.56 -19.82
C LEU B 105 23.86 -31.52 -20.04
N ASP B 106 24.05 -32.75 -19.55
CA ASP B 106 23.00 -33.75 -19.64
C ASP B 106 21.75 -33.26 -18.94
N LEU B 107 20.59 -33.58 -19.51
CA LEU B 107 19.33 -33.11 -18.95
C LEU B 107 19.19 -33.50 -17.49
N ASN B 108 19.58 -34.74 -17.14
CA ASN B 108 19.48 -35.19 -15.76
C ASN B 108 20.41 -34.42 -14.84
N ASP B 109 21.42 -33.75 -15.38
CA ASP B 109 22.29 -32.91 -14.55
C ASP B 109 21.65 -31.55 -14.28
N GLN B 110 21.01 -30.95 -15.29
CA GLN B 110 20.36 -29.66 -15.09
C GLN B 110 19.24 -29.76 -14.07
N VAL B 111 18.62 -30.93 -13.94
CA VAL B 111 17.54 -31.10 -12.98
C VAL B 111 18.09 -31.32 -11.57
N THR B 112 19.25 -31.98 -11.46
CA THR B 112 19.84 -32.21 -10.14
C THR B 112 20.45 -30.93 -9.58
N LEU B 113 21.06 -30.12 -10.44
CA LEU B 113 21.65 -28.86 -9.97
C LEU B 113 20.58 -27.88 -9.52
N LEU B 114 19.48 -27.78 -10.28
CA LEU B 114 18.40 -26.89 -9.88
C LEU B 114 17.63 -27.44 -8.68
N LYS B 115 17.55 -28.76 -8.55
CA LYS B 115 16.81 -29.36 -7.43
C LYS B 115 17.36 -28.89 -6.09
N TYR B 116 18.67 -29.01 -5.90
CA TYR B 116 19.32 -28.64 -4.65
C TYR B 116 19.75 -27.18 -4.61
N GLY B 117 19.52 -26.42 -5.67
CA GLY B 117 20.02 -25.06 -5.74
C GLY B 117 18.97 -23.98 -5.73
N VAL B 118 17.77 -24.27 -6.25
CA VAL B 118 16.74 -23.25 -6.39
C VAL B 118 16.45 -22.58 -5.05
N TYR B 119 16.29 -23.38 -4.00
CA TYR B 119 15.94 -22.81 -2.70
C TYR B 119 17.13 -22.14 -2.01
N GLU B 120 18.35 -22.59 -2.31
CA GLU B 120 19.51 -21.86 -1.82
C GLU B 120 19.60 -20.49 -2.45
N ALA B 121 19.22 -20.38 -3.73
CA ALA B 121 19.18 -19.09 -4.40
C ALA B 121 17.95 -18.28 -4.03
N ILE B 122 16.82 -18.95 -3.80
CA ILE B 122 15.61 -18.25 -3.38
C ILE B 122 15.85 -17.52 -2.07
N PHE B 123 16.34 -18.23 -1.06
CA PHE B 123 16.59 -17.62 0.23
C PHE B 123 17.68 -16.56 0.16
N ALA B 124 18.61 -16.69 -0.79
CA ALA B 124 19.63 -15.68 -0.98
C ALA B 124 19.01 -14.38 -1.50
N MET B 125 18.28 -14.46 -2.60
CA MET B 125 17.61 -13.28 -3.14
C MET B 125 16.47 -12.81 -2.26
N LEU B 126 15.93 -13.68 -1.40
CA LEU B 126 14.86 -13.27 -0.50
C LEU B 126 15.33 -12.22 0.50
N SER B 127 16.64 -12.10 0.72
CA SER B 127 17.15 -11.08 1.62
C SER B 127 17.06 -9.69 1.01
N SER B 128 17.06 -9.60 -0.32
CA SER B 128 17.04 -8.30 -0.98
C SER B 128 15.78 -7.51 -0.63
N VAL B 129 14.68 -8.19 -0.35
CA VAL B 129 13.41 -7.54 -0.07
C VAL B 129 13.08 -7.56 1.42
N MET B 130 14.08 -7.77 2.27
CA MET B 130 13.86 -7.90 3.71
C MET B 130 14.62 -6.83 4.48
N ASN B 131 14.07 -6.47 5.63
CA ASN B 131 14.75 -5.66 6.62
C ASN B 131 14.46 -6.26 7.99
N LYS B 132 14.88 -5.56 9.05
CA LYS B 132 14.68 -6.10 10.39
C LYS B 132 13.21 -6.13 10.82
N ASP B 133 12.32 -5.51 10.05
CA ASP B 133 10.91 -5.42 10.41
C ASP B 133 9.99 -6.26 9.53
N GLY B 134 10.34 -6.48 8.28
CA GLY B 134 9.49 -7.26 7.40
C GLY B 134 10.12 -7.42 6.03
N MET B 135 9.31 -7.90 5.09
CA MET B 135 9.77 -8.11 3.72
C MET B 135 8.69 -7.65 2.75
N LEU B 136 9.14 -7.18 1.59
CA LEU B 136 8.22 -6.74 0.56
C LEU B 136 7.54 -7.94 -0.10
N VAL B 137 6.30 -7.72 -0.55
CA VAL B 137 5.50 -8.76 -1.17
C VAL B 137 4.74 -8.16 -2.36
N ALA B 138 4.29 -9.03 -3.24
CA ALA B 138 3.50 -8.64 -4.41
C ALA B 138 4.22 -7.56 -5.22
N TYR B 139 5.44 -7.90 -5.63
CA TYR B 139 6.26 -7.00 -6.45
C TYR B 139 6.47 -5.66 -5.76
N GLY B 140 6.62 -5.69 -4.44
CA GLY B 140 6.88 -4.49 -3.67
C GLY B 140 5.67 -3.65 -3.33
N ASN B 141 4.47 -4.07 -3.75
CA ASN B 141 3.28 -3.29 -3.44
C ASN B 141 2.86 -3.42 -1.99
N GLY B 142 3.19 -4.55 -1.34
CA GLY B 142 2.83 -4.80 0.03
C GLY B 142 4.06 -5.04 0.90
N PHE B 143 3.83 -4.98 2.21
CA PHE B 143 4.89 -5.19 3.20
C PHE B 143 4.31 -5.95 4.37
N ILE B 144 4.71 -7.21 4.52
CA ILE B 144 4.27 -8.05 5.63
C ILE B 144 5.30 -7.96 6.74
N THR B 145 4.85 -7.70 7.95
CA THR B 145 5.75 -7.43 9.06
C THR B 145 6.37 -8.71 9.60
N ARG B 146 7.56 -8.59 10.18
CA ARG B 146 8.25 -9.74 10.75
C ARG B 146 7.59 -10.18 12.04
N GLU B 147 7.07 -9.24 12.83
CA GLU B 147 6.37 -9.61 14.07
C GLU B 147 5.08 -10.37 13.78
N PHE B 148 4.32 -9.93 12.78
CA PHE B 148 3.10 -10.62 12.43
C PHE B 148 3.37 -12.07 12.05
N LEU B 149 4.43 -12.30 11.28
CA LEU B 149 4.80 -13.67 10.92
C LEU B 149 5.18 -14.50 12.13
N LYS B 150 5.63 -13.86 13.22
CA LYS B 150 5.93 -14.58 14.44
C LYS B 150 4.69 -14.82 15.29
N SER B 151 3.70 -13.92 15.19
CA SER B 151 2.47 -14.08 15.96
C SER B 151 1.63 -15.27 15.49
N LEU B 152 1.88 -15.77 14.28
CA LEU B 152 1.14 -16.93 13.80
C LEU B 152 1.37 -18.12 14.73
N ARG B 153 0.42 -19.05 14.71
CA ARG B 153 0.53 -20.24 15.54
C ARG B 153 1.58 -21.20 14.98
N LYS B 154 2.03 -22.10 15.85
CA LYS B 154 3.03 -23.08 15.43
C LYS B 154 2.39 -24.10 14.49
N PRO B 155 3.20 -24.72 13.61
CA PRO B 155 4.62 -24.41 13.47
C PRO B 155 4.91 -23.38 12.38
N PHE B 156 3.89 -22.61 12.01
CA PHE B 156 4.06 -21.67 10.89
C PHE B 156 4.98 -20.52 11.27
N CYS B 157 4.88 -20.03 12.51
CA CYS B 157 5.73 -18.93 12.95
C CYS B 157 7.20 -19.28 12.92
N ASP B 158 7.55 -20.55 12.73
CA ASP B 158 8.94 -21.00 12.67
C ASP B 158 9.47 -21.11 11.25
N ILE B 159 8.70 -20.66 10.26
CA ILE B 159 9.08 -20.80 8.86
C ILE B 159 9.98 -19.64 8.44
N MET B 160 9.42 -18.43 8.42
CA MET B 160 10.14 -17.29 7.85
C MET B 160 11.16 -16.70 8.81
N GLU B 161 10.93 -16.80 10.12
CA GLU B 161 11.84 -16.19 11.09
C GLU B 161 13.29 -16.61 10.88
N PRO B 162 13.61 -17.90 10.72
CA PRO B 162 15.00 -18.27 10.42
C PRO B 162 15.53 -17.60 9.16
N LYS B 163 14.66 -17.33 8.18
CA LYS B 163 15.12 -16.66 6.96
C LYS B 163 15.43 -15.20 7.23
N PHE B 164 14.64 -14.54 8.09
CA PHE B 164 14.97 -13.19 8.50
C PHE B 164 16.34 -13.12 9.16
N ASP B 165 16.66 -14.11 10.00
CA ASP B 165 17.96 -14.14 10.65
C ASP B 165 19.08 -14.17 9.62
N PHE B 166 18.93 -14.98 8.57
CA PHE B 166 19.96 -15.05 7.54
C PHE B 166 20.09 -13.72 6.80
N ALA B 167 18.96 -13.13 6.41
CA ALA B 167 18.99 -11.91 5.62
C ALA B 167 19.69 -10.77 6.37
N MET B 168 19.37 -10.60 7.64
CA MET B 168 19.97 -9.51 8.41
C MET B 168 21.48 -9.56 8.36
N LYS B 169 22.07 -10.76 8.46
CA LYS B 169 23.52 -10.88 8.36
C LYS B 169 23.98 -10.80 6.91
N PHE B 170 23.25 -11.46 6.00
CA PHE B 170 23.65 -11.43 4.59
C PHE B 170 23.60 -10.01 4.04
N ASN B 171 22.56 -9.25 4.40
CA ASN B 171 22.46 -7.87 3.93
C ASN B 171 23.53 -6.97 4.55
N ALA B 172 24.11 -7.37 5.69
CA ALA B 172 25.19 -6.59 6.28
C ALA B 172 26.40 -6.54 5.36
N LEU B 173 26.58 -7.56 4.52
CA LEU B 173 27.66 -7.56 3.55
C LEU B 173 27.54 -6.45 2.52
N GLU B 174 26.37 -5.82 2.42
CA GLU B 174 26.14 -4.70 1.50
C GLU B 174 26.51 -5.06 0.06
N LEU B 175 25.86 -6.12 -0.43
CA LEU B 175 26.03 -6.55 -1.80
C LEU B 175 24.97 -5.89 -2.69
N ASP B 176 25.28 -5.79 -3.97
CA ASP B 176 24.37 -5.23 -4.97
C ASP B 176 24.04 -6.30 -6.02
N ASP B 177 23.11 -5.94 -6.90
CA ASP B 177 22.63 -6.91 -7.90
C ASP B 177 23.77 -7.49 -8.72
N SER B 178 24.81 -6.70 -9.00
CA SER B 178 25.94 -7.23 -9.76
C SER B 178 26.61 -8.39 -9.03
N ASP B 179 26.73 -8.29 -7.72
CA ASP B 179 27.35 -9.35 -6.94
C ASP B 179 26.41 -10.54 -6.80
N ILE B 180 25.15 -10.28 -6.46
CA ILE B 180 24.20 -11.36 -6.17
C ILE B 180 24.03 -12.25 -7.41
N SER B 181 23.95 -11.64 -8.60
CA SER B 181 23.79 -12.43 -9.82
C SER B 181 24.88 -13.49 -9.93
N LEU B 182 26.15 -13.08 -9.72
CA LEU B 182 27.23 -14.05 -9.73
C LEU B 182 27.12 -15.00 -8.55
N PHE B 183 26.66 -14.51 -7.40
CA PHE B 183 26.51 -15.37 -6.23
C PHE B 183 25.46 -16.44 -6.47
N VAL B 184 24.40 -16.11 -7.22
CA VAL B 184 23.37 -17.10 -7.51
C VAL B 184 23.86 -18.09 -8.56
N ALA B 185 24.63 -17.62 -9.55
CA ALA B 185 25.18 -18.51 -10.55
C ALA B 185 26.09 -19.56 -9.91
N ALA B 186 26.88 -19.15 -8.92
CA ALA B 186 27.76 -20.10 -8.24
C ALA B 186 26.97 -21.09 -7.40
N ILE B 187 25.86 -20.65 -6.80
CA ILE B 187 25.04 -21.54 -5.99
C ILE B 187 24.49 -22.68 -6.83
N ILE B 188 24.01 -22.36 -8.04
CA ILE B 188 23.43 -23.38 -8.90
C ILE B 188 24.47 -24.32 -9.46
N CYS B 189 25.74 -23.90 -9.53
CA CYS B 189 26.81 -24.69 -10.13
C CYS B 189 27.62 -25.45 -9.10
N CYS B 190 27.00 -25.90 -8.02
CA CYS B 190 27.70 -26.74 -7.06
C CYS B 190 27.89 -28.14 -7.62
N GLY B 191 29.06 -28.72 -7.38
CA GLY B 191 29.39 -30.01 -7.94
C GLY B 191 29.16 -31.16 -6.99
N ASP B 192 29.08 -30.88 -5.70
CA ASP B 192 28.93 -31.93 -4.68
C ASP B 192 27.47 -32.09 -4.27
N ARG B 193 26.63 -32.33 -5.27
CA ARG B 193 25.23 -32.55 -5.01
C ARG B 193 24.86 -34.01 -5.28
N PRO B 194 24.05 -34.60 -4.41
CA PRO B 194 23.71 -36.03 -4.58
C PRO B 194 23.01 -36.28 -5.91
N GLY B 195 23.53 -37.25 -6.65
CA GLY B 195 22.94 -37.66 -7.90
C GLY B 195 23.52 -37.05 -9.15
N LEU B 196 24.81 -36.72 -9.16
CA LEU B 196 25.47 -36.13 -10.31
C LEU B 196 26.28 -37.18 -11.06
N LEU B 197 26.16 -37.19 -12.38
CA LEU B 197 26.87 -38.12 -13.24
C LEU B 197 28.09 -37.46 -13.89
N ASN B 198 27.88 -36.36 -14.61
CA ASN B 198 28.98 -35.64 -15.26
C ASN B 198 29.62 -34.63 -14.30
N VAL B 199 30.19 -35.17 -13.23
CA VAL B 199 30.78 -34.33 -12.19
C VAL B 199 32.00 -33.56 -12.71
N GLY B 200 32.60 -34.01 -13.80
CA GLY B 200 33.77 -33.34 -14.34
C GLY B 200 33.43 -32.07 -15.10
N HIS B 201 32.42 -32.14 -15.97
CA HIS B 201 32.05 -30.97 -16.75
C HIS B 201 31.53 -29.84 -15.87
N ILE B 202 30.95 -30.18 -14.72
CA ILE B 202 30.38 -29.15 -13.85
C ILE B 202 31.47 -28.46 -13.05
N GLU B 203 32.43 -29.22 -12.52
CA GLU B 203 33.51 -28.62 -11.74
C GLU B 203 34.26 -27.59 -12.57
N LYS B 204 34.46 -27.85 -13.86
CA LYS B 204 35.08 -26.87 -14.73
C LYS B 204 34.18 -25.67 -14.96
N MET B 205 32.86 -25.89 -14.96
CA MET B 205 31.92 -24.78 -15.14
C MET B 205 31.83 -23.95 -13.87
N GLN B 206 31.87 -24.58 -12.70
CA GLN B 206 31.83 -23.84 -11.45
C GLN B 206 33.12 -23.05 -11.22
N GLU B 207 34.27 -23.64 -11.58
CA GLU B 207 35.54 -22.96 -11.40
C GLU B 207 35.55 -21.62 -12.14
N GLY B 208 35.01 -21.59 -13.35
CA GLY B 208 34.95 -20.34 -14.10
C GLY B 208 34.05 -19.32 -13.44
N ILE B 209 32.92 -19.76 -12.90
CA ILE B 209 32.00 -18.84 -12.24
C ILE B 209 32.59 -18.36 -10.92
N VAL B 210 33.08 -19.30 -10.10
CA VAL B 210 33.70 -18.92 -8.83
C VAL B 210 34.87 -17.98 -9.07
N HIS B 211 35.63 -18.23 -10.14
CA HIS B 211 36.78 -17.39 -10.44
C HIS B 211 36.35 -15.95 -10.72
N VAL B 212 35.42 -15.76 -11.66
CA VAL B 212 34.97 -14.42 -12.00
C VAL B 212 34.33 -13.75 -10.80
N LEU B 213 33.69 -14.53 -9.93
CA LEU B 213 33.07 -13.94 -8.73
C LEU B 213 34.13 -13.36 -7.80
N ARG B 214 35.25 -14.07 -7.64
CA ARG B 214 36.31 -13.58 -6.75
C ARG B 214 36.88 -12.26 -7.25
N LEU B 215 37.17 -12.18 -8.54
CA LEU B 215 37.72 -10.94 -9.10
C LEU B 215 36.71 -9.81 -9.00
N HIS B 216 35.43 -10.09 -9.27
CA HIS B 216 34.41 -9.05 -9.19
C HIS B 216 34.27 -8.53 -7.77
N LEU B 217 34.21 -9.42 -6.79
CA LEU B 217 34.09 -9.00 -5.40
C LEU B 217 35.31 -8.20 -4.95
N GLN B 218 36.49 -8.53 -5.48
CA GLN B 218 37.69 -7.79 -5.12
C GLN B 218 37.76 -6.43 -5.82
N SER B 219 37.09 -6.27 -6.94
CA SER B 219 37.10 -5.01 -7.67
C SER B 219 35.95 -4.08 -7.24
N ASN B 220 34.78 -4.65 -6.95
CA ASN B 220 33.62 -3.87 -6.54
C ASN B 220 33.61 -3.53 -5.06
N HIS B 221 34.23 -4.36 -4.22
CA HIS B 221 34.31 -4.13 -2.79
C HIS B 221 35.75 -4.34 -2.34
N PRO B 222 36.64 -3.39 -2.66
CA PRO B 222 38.06 -3.58 -2.33
C PRO B 222 38.35 -3.53 -0.84
N ASP B 223 37.61 -2.72 -0.07
CA ASP B 223 37.87 -2.61 1.36
C ASP B 223 37.56 -3.91 2.08
N ASP B 224 36.49 -4.60 1.68
CA ASP B 224 36.12 -5.88 2.29
C ASP B 224 37.07 -6.94 1.75
N ILE B 225 38.22 -7.07 2.42
CA ILE B 225 39.29 -7.94 1.92
C ILE B 225 38.80 -9.37 1.78
N PHE B 226 38.13 -9.88 2.81
CA PHE B 226 37.69 -11.27 2.85
C PHE B 226 36.22 -11.44 2.51
N LEU B 227 35.68 -10.57 1.65
CA LEU B 227 34.28 -10.71 1.26
C LEU B 227 34.04 -12.01 0.50
N PHE B 228 35.02 -12.42 -0.31
CA PHE B 228 34.88 -13.69 -1.02
C PHE B 228 34.80 -14.87 -0.08
N PRO B 229 35.71 -15.06 0.87
CA PRO B 229 35.56 -16.16 1.83
C PRO B 229 34.28 -16.06 2.66
N LYS B 230 33.84 -14.85 3.00
CA LYS B 230 32.60 -14.70 3.74
C LYS B 230 31.42 -15.25 2.96
N LEU B 231 31.35 -14.93 1.67
CA LEU B 231 30.25 -15.43 0.84
C LEU B 231 30.32 -16.94 0.69
N LEU B 232 31.52 -17.49 0.51
CA LEU B 232 31.68 -18.94 0.51
C LEU B 232 31.09 -19.54 1.77
N GLN B 233 31.29 -18.89 2.92
CA GLN B 233 30.66 -19.35 4.15
C GLN B 233 29.15 -19.20 4.08
N LYS B 234 28.66 -18.18 3.38
CA LYS B 234 27.21 -18.00 3.24
C LYS B 234 26.59 -19.11 2.40
N MET B 235 27.35 -19.70 1.48
CA MET B 235 26.84 -20.84 0.73
C MET B 235 26.63 -22.04 1.63
N ALA B 236 27.56 -22.28 2.57
CA ALA B 236 27.38 -23.36 3.53
C ALA B 236 26.17 -23.10 4.43
N ASP B 237 26.05 -21.87 4.93
CA ASP B 237 24.90 -21.52 5.76
C ASP B 237 23.60 -21.67 5.00
N LEU B 238 23.60 -21.39 3.70
CA LEU B 238 22.40 -21.57 2.90
C LEU B 238 22.05 -23.05 2.74
N ARG B 239 23.04 -23.87 2.36
CA ARG B 239 22.81 -25.30 2.28
C ARG B 239 22.20 -25.84 3.57
N GLN B 240 22.73 -25.39 4.72
CA GLN B 240 22.16 -25.81 5.99
C GLN B 240 20.77 -25.20 6.20
N LEU B 241 20.56 -23.97 5.73
CA LEU B 241 19.25 -23.34 5.87
C LEU B 241 18.19 -24.08 5.06
N VAL B 242 18.53 -24.49 3.83
CA VAL B 242 17.58 -25.24 3.02
C VAL B 242 17.32 -26.61 3.61
N THR B 243 18.37 -27.27 4.11
CA THR B 243 18.21 -28.57 4.76
C THR B 243 17.21 -28.47 5.91
N GLU B 244 17.43 -27.53 6.83
CA GLU B 244 16.50 -27.35 7.94
C GLU B 244 15.12 -26.94 7.44
N HIS B 245 15.05 -26.31 6.27
CA HIS B 245 13.76 -25.90 5.72
C HIS B 245 12.98 -27.09 5.18
N ALA B 246 13.63 -27.90 4.34
CA ALA B 246 12.95 -29.07 3.79
C ALA B 246 12.48 -30.02 4.88
N GLN B 247 13.20 -30.06 6.02
CA GLN B 247 12.79 -30.93 7.12
C GLN B 247 11.55 -30.38 7.81
N LEU B 248 11.45 -29.05 7.96
CA LEU B 248 10.27 -28.47 8.58
C LEU B 248 9.07 -28.54 7.65
N VAL B 249 9.30 -28.48 6.33
CA VAL B 249 8.19 -28.60 5.38
C VAL B 249 7.56 -29.98 5.47
N GLN B 250 8.39 -31.02 5.63
CA GLN B 250 7.86 -32.38 5.75
C GLN B 250 7.00 -32.52 7.00
N ILE B 251 7.44 -31.93 8.12
CA ILE B 251 6.70 -32.05 9.37
C ILE B 251 5.35 -31.34 9.26
N ILE B 252 5.34 -30.15 8.68
CA ILE B 252 4.10 -29.38 8.60
C ILE B 252 3.10 -30.06 7.68
N LYS B 253 3.57 -30.81 6.68
CA LYS B 253 2.66 -31.49 5.77
C LYS B 253 2.01 -32.71 6.40
N LYS B 254 2.59 -33.24 7.48
CA LYS B 254 2.01 -34.40 8.16
C LYS B 254 1.08 -34.00 9.29
N THR B 255 1.52 -33.10 10.17
CA THR B 255 0.72 -32.68 11.32
C THR B 255 -0.36 -31.68 10.94
N GLU B 256 -0.43 -31.26 9.67
CA GLU B 256 -1.43 -30.28 9.23
C GLU B 256 -2.19 -30.88 8.06
N SER B 257 -3.51 -31.01 8.22
CA SER B 257 -4.34 -31.60 7.18
C SER B 257 -4.86 -30.57 6.18
N ASP B 258 -5.15 -29.35 6.64
CA ASP B 258 -5.66 -28.32 5.75
C ASP B 258 -4.58 -27.72 4.85
N ALA B 259 -3.31 -28.07 5.05
CA ALA B 259 -2.21 -27.54 4.27
C ALA B 259 -1.76 -28.55 3.23
N ALA B 260 -1.68 -28.12 1.98
CA ALA B 260 -1.25 -28.96 0.87
C ALA B 260 0.03 -28.39 0.27
N LEU B 261 0.77 -29.26 -0.41
CA LEU B 261 2.04 -28.89 -1.03
C LEU B 261 1.89 -28.85 -2.53
N HIS B 262 2.47 -27.83 -3.15
CA HIS B 262 2.38 -27.66 -4.59
C HIS B 262 3.06 -28.84 -5.28
N PRO B 263 2.53 -29.30 -6.43
CA PRO B 263 3.17 -30.44 -7.10
C PRO B 263 4.61 -30.19 -7.49
N LEU B 264 4.90 -29.05 -8.14
CA LEU B 264 6.27 -28.73 -8.51
C LEU B 264 7.18 -28.73 -7.29
N LEU B 265 6.81 -27.97 -6.26
CA LEU B 265 7.60 -27.95 -5.04
C LEU B 265 7.72 -29.35 -4.44
N GLN B 266 6.65 -30.14 -4.54
CA GLN B 266 6.68 -31.50 -4.01
C GLN B 266 7.75 -32.33 -4.69
N GLU B 267 7.92 -32.17 -6.00
CA GLU B 267 8.96 -32.90 -6.71
C GLU B 267 10.34 -32.45 -6.28
N ILE B 268 10.53 -31.15 -6.08
CA ILE B 268 11.83 -30.64 -5.65
C ILE B 268 12.21 -31.24 -4.30
N TYR B 269 11.30 -31.17 -3.33
CA TYR B 269 11.58 -31.67 -2.00
C TYR B 269 11.68 -33.20 -1.93
N ARG B 270 11.34 -33.90 -3.00
CA ARG B 270 11.34 -35.36 -2.98
C ARG B 270 12.76 -35.89 -2.86
N ASP B 271 13.02 -36.67 -1.82
CA ASP B 271 14.32 -37.33 -1.64
C ASP B 271 15.47 -36.32 -1.70
N MET B 272 15.24 -35.13 -1.15
CA MET B 272 16.26 -34.10 -1.13
C MET B 272 17.25 -34.35 0.00
N TYR B 273 16.88 -33.98 1.22
CA TYR B 273 17.73 -34.21 2.38
C TYR B 273 17.06 -35.15 3.37
#